data_4HXJ
#
_entry.id   4HXJ
#
_cell.length_a   27.980
_cell.length_b   40.830
_cell.length_c   43.340
_cell.angle_alpha   90.00
_cell.angle_beta   105.97
_cell.angle_gamma   90.00
#
_symmetry.space_group_name_H-M   'P 1 21 1'
#
loop_
_entity.id
_entity.type
_entity.pdbx_description
1 polymer 'Proto-oncogene tyrosine-protein kinase Src'
2 polymer 'C-terminal 3-mer peptide from Integrin beta-3'
3 water water
#
loop_
_entity_poly.entity_id
_entity_poly.type
_entity_poly.pdbx_seq_one_letter_code
_entity_poly.pdbx_strand_id
1 'polypeptide(L)' GSTTFVALYDYESRTETDLSFKKGERLQIVNNTEGDWWLAHSLSTGQTGYIPSNYVAPSD A,B
2 'polypeptide(L)' RGT C
#
# COMPACT_ATOMS: atom_id res chain seq x y z
C GLY A 1 8.36 -15.24 -5.89
N SER A 2 8.44 -14.11 -6.60
CA SER A 2 9.24 -12.99 -6.14
C SER A 2 8.42 -12.05 -5.28
N THR A 3 9.09 -11.31 -4.41
CA THR A 3 8.44 -10.21 -3.71
C THR A 3 9.14 -8.89 -3.98
N THR A 4 10.31 -8.93 -4.62
CA THR A 4 10.93 -7.69 -5.08
C THR A 4 11.09 -7.73 -6.60
N PHE A 5 10.77 -6.61 -7.24
CA PHE A 5 10.71 -6.50 -8.70
C PHE A 5 11.48 -5.28 -9.19
N VAL A 6 11.74 -5.23 -10.50
CA VAL A 6 12.40 -4.08 -11.09
C VAL A 6 11.58 -3.58 -12.29
N ALA A 7 11.42 -2.27 -12.41
CA ALA A 7 10.66 -1.70 -13.53
C ALA A 7 11.41 -1.83 -14.86
N LEU A 8 10.69 -2.30 -15.87
CA LEU A 8 11.24 -2.41 -17.22
C LEU A 8 11.01 -1.15 -18.06
N TYR A 9 10.04 -0.33 -17.66
CA TYR A 9 9.70 0.92 -18.37
C TYR A 9 9.32 2.01 -17.38
N ASP A 10 9.30 3.27 -17.83
CA ASP A 10 8.77 4.37 -17.00
C ASP A 10 7.26 4.28 -16.98
N TYR A 11 6.65 4.72 -15.88
CA TYR A 11 5.21 4.86 -15.79
C TYR A 11 4.92 6.13 -15.01
N GLU A 12 4.05 6.97 -15.57
CA GLU A 12 3.60 8.18 -14.88
C GLU A 12 2.16 7.99 -14.41
N SER A 13 1.91 8.22 -13.12
CA SER A 13 0.58 7.99 -12.56
C SER A 13 -0.46 8.93 -13.18
N ARG A 14 -1.68 8.43 -13.33
CA ARG A 14 -2.75 9.20 -13.96
C ARG A 14 -3.92 9.46 -13.02
N THR A 15 -3.91 8.81 -11.85
CA THR A 15 -5.01 9.02 -10.92
C THR A 15 -4.53 9.01 -9.47
N GLU A 16 -5.43 8.72 -8.53
CA GLU A 16 -5.12 8.84 -7.11
C GLU A 16 -4.46 7.61 -6.50
N THR A 17 -4.55 6.48 -7.18
CA THR A 17 -4.20 5.21 -6.57
C THR A 17 -2.95 4.57 -7.21
N ASP A 18 -2.51 5.11 -8.33
CA ASP A 18 -1.36 4.48 -9.01
C ASP A 18 -0.03 5.17 -8.70
N LEU A 19 1.04 4.42 -8.86
CA LEU A 19 2.38 4.87 -8.47
C LEU A 19 3.21 5.25 -9.71
N SER A 20 3.86 6.41 -9.70
CA SER A 20 4.83 6.76 -10.72
C SER A 20 6.19 6.10 -10.44
N PHE A 21 6.88 5.63 -11.47
CA PHE A 21 8.23 5.07 -11.28
C PHE A 21 9.05 5.15 -12.57
N LYS A 22 10.36 4.99 -12.45
CA LYS A 22 11.24 5.08 -13.61
C LYS A 22 11.82 3.70 -13.94
N LYS A 23 12.18 3.47 -15.19
CA LYS A 23 12.84 2.24 -15.57
C LYS A 23 14.01 1.97 -14.61
N GLY A 24 14.19 0.71 -14.22
CA GLY A 24 15.26 0.34 -13.31
C GLY A 24 14.96 0.54 -11.83
N GLU A 25 13.83 1.19 -11.54
CA GLU A 25 13.41 1.38 -10.15
C GLU A 25 13.01 0.03 -9.55
N ARG A 26 13.41 -0.21 -8.30
CA ARG A 26 13.11 -1.47 -7.65
C ARG A 26 11.94 -1.37 -6.66
N LEU A 27 11.04 -2.34 -6.75
CA LEU A 27 9.74 -2.27 -6.08
C LEU A 27 9.47 -3.50 -5.26
N GLN A 28 8.98 -3.28 -4.04
CA GLN A 28 8.52 -4.38 -3.21
C GLN A 28 7.05 -4.66 -3.49
N ILE A 29 6.75 -5.89 -3.89
CA ILE A 29 5.36 -6.24 -4.22
C ILE A 29 5.00 -7.57 -3.58
N VAL A 30 4.41 -7.53 -2.39
CA VAL A 30 4.19 -8.77 -1.64
C VAL A 30 3.01 -9.61 -2.14
N ASN A 31 2.03 -8.95 -2.74
CA ASN A 31 0.87 -9.64 -3.32
C ASN A 31 0.76 -9.41 -4.84
N ASN A 32 1.12 -10.42 -5.62
CA ASN A 32 1.18 -10.29 -7.07
C ASN A 32 0.60 -11.49 -7.81
N THR A 33 -0.43 -12.10 -7.25
CA THR A 33 -1.02 -13.30 -7.84
C THR A 33 -1.94 -12.97 -9.01
N GLU A 34 -2.91 -12.10 -8.78
CA GLU A 34 -3.90 -11.79 -9.81
C GLU A 34 -4.10 -10.30 -10.01
N GLY A 35 -4.74 -9.94 -11.13
CA GLY A 35 -5.08 -8.57 -11.43
C GLY A 35 -4.13 -7.88 -12.41
N ASP A 36 -4.61 -6.81 -13.03
CA ASP A 36 -3.78 -5.98 -13.91
C ASP A 36 -2.96 -4.98 -13.11
N TRP A 37 -3.35 -4.76 -11.86
CA TRP A 37 -2.69 -3.78 -11.01
C TRP A 37 -2.23 -4.44 -9.71
N TRP A 38 -1.00 -4.16 -9.30
CA TRP A 38 -0.43 -4.73 -8.08
C TRP A 38 0.03 -3.61 -7.15
N LEU A 39 -0.20 -3.75 -5.86
CA LEU A 39 0.26 -2.74 -4.91
C LEU A 39 1.78 -2.82 -4.75
N ALA A 40 2.45 -1.71 -4.98
CA ALA A 40 3.90 -1.70 -5.03
C ALA A 40 4.47 -0.63 -4.12
N HIS A 41 5.57 -0.95 -3.44
CA HIS A 41 6.25 0.03 -2.59
C HIS A 41 7.63 0.26 -3.16
N SER A 42 7.97 1.51 -3.45
CA SER A 42 9.27 1.80 -4.07
C SER A 42 10.40 1.83 -3.05
N LEU A 43 11.43 1.03 -3.29
CA LEU A 43 12.56 0.96 -2.37
C LEU A 43 13.46 2.19 -2.51
N SER A 44 13.23 2.99 -3.55
CA SER A 44 13.93 4.26 -3.70
C SER A 44 13.19 5.42 -3.01
N THR A 45 12.00 5.72 -3.52
CA THR A 45 11.29 6.92 -3.12
C THR A 45 10.47 6.75 -1.85
N GLY A 46 10.13 5.50 -1.51
CA GLY A 46 9.28 5.23 -0.35
C GLY A 46 7.81 5.46 -0.66
N GLN A 47 7.53 5.72 -1.93
CA GLN A 47 6.15 5.91 -2.37
C GLN A 47 5.47 4.58 -2.65
N THR A 48 4.15 4.54 -2.55
CA THR A 48 3.42 3.30 -2.60
C THR A 48 2.15 3.49 -3.43
N GLY A 49 1.83 2.53 -4.28
CA GLY A 49 0.63 2.64 -5.09
C GLY A 49 0.54 1.49 -6.06
N TYR A 50 -0.54 1.44 -6.82
CA TYR A 50 -0.71 0.36 -7.78
C TYR A 50 0.10 0.61 -9.04
N ILE A 51 0.62 -0.47 -9.60
CA ILE A 51 1.43 -0.40 -10.81
C ILE A 51 0.93 -1.48 -11.74
N PRO A 52 1.14 -1.29 -13.07
CA PRO A 52 0.68 -2.28 -14.05
C PRO A 52 1.52 -3.57 -13.94
N SER A 53 0.85 -4.71 -13.84
CA SER A 53 1.52 -5.98 -13.59
C SER A 53 2.56 -6.30 -14.66
N ASN A 54 2.30 -5.86 -15.89
CA ASN A 54 3.21 -6.18 -16.99
C ASN A 54 4.39 -5.22 -17.21
N TYR A 55 4.62 -4.29 -16.27
CA TYR A 55 5.73 -3.35 -16.37
C TYR A 55 6.97 -3.77 -15.54
N VAL A 56 6.92 -4.90 -14.84
CA VAL A 56 8.03 -5.26 -13.95
C VAL A 56 8.56 -6.67 -14.22
N ALA A 57 9.83 -6.89 -13.84
CA ALA A 57 10.43 -8.22 -13.88
C ALA A 57 10.96 -8.51 -12.47
N PRO A 58 11.19 -9.80 -12.16
CA PRO A 58 11.67 -10.19 -10.83
C PRO A 58 13.01 -9.54 -10.50
N SER A 59 13.28 -9.32 -9.22
CA SER A 59 14.52 -8.68 -8.80
C SER A 59 14.91 -9.11 -7.39
N ASP A 60 14.88 -10.42 -7.18
CA ASP A 60 15.24 -11.02 -5.89
C ASP A 60 15.54 -12.51 -6.07
N SER B 2 -8.78 -9.85 19.76
CA SER B 2 -8.35 -8.97 18.69
C SER B 2 -6.84 -8.76 18.74
N THR B 3 -6.31 -8.10 17.70
CA THR B 3 -4.91 -7.70 17.68
C THR B 3 -4.81 -6.35 16.96
N THR B 4 -3.74 -5.62 17.22
CA THR B 4 -3.47 -4.39 16.50
C THR B 4 -2.75 -4.73 15.19
N PHE B 5 -2.68 -3.76 14.29
CA PHE B 5 -1.99 -3.94 13.03
C PHE B 5 -0.83 -2.96 12.93
N VAL B 6 0.14 -3.24 12.06
CA VAL B 6 1.27 -2.34 11.88
C VAL B 6 1.26 -1.84 10.45
N ALA B 7 1.48 -0.54 10.29
CA ALA B 7 1.53 0.06 8.97
C ALA B 7 2.82 -0.33 8.29
N LEU B 8 2.68 -0.92 7.11
CA LEU B 8 3.82 -1.35 6.29
C LEU B 8 4.39 -0.23 5.41
N TYR B 9 3.55 0.76 5.10
CA TYR B 9 3.95 1.88 4.24
C TYR B 9 3.27 3.17 4.70
N ASP B 10 3.81 4.32 4.31
CA ASP B 10 3.13 5.58 4.60
C ASP B 10 1.85 5.65 3.76
N TYR B 11 0.79 6.19 4.32
CA TYR B 11 -0.42 6.41 3.55
C TYR B 11 -0.92 7.81 3.83
N GLU B 12 -1.07 8.62 2.79
CA GLU B 12 -1.61 9.96 2.97
C GLU B 12 -3.10 10.02 2.58
N SER B 13 -3.93 10.49 3.51
CA SER B 13 -5.37 10.60 3.26
C SER B 13 -5.65 11.20 1.88
N ARG B 14 -6.56 10.59 1.14
CA ARG B 14 -6.92 11.12 -0.17
C ARG B 14 -8.37 11.54 -0.20
N THR B 15 -9.12 11.16 0.83
CA THR B 15 -10.53 11.54 0.95
C THR B 15 -10.82 12.01 2.37
N GLU B 16 -12.02 12.52 2.57
CA GLU B 16 -12.44 13.01 3.89
C GLU B 16 -12.65 11.91 4.94
N THR B 17 -12.73 10.66 4.52
CA THR B 17 -13.03 9.60 5.49
C THR B 17 -11.83 8.70 5.81
N ASP B 18 -10.73 8.92 5.07
CA ASP B 18 -9.46 8.18 5.18
C ASP B 18 -8.66 8.59 6.40
N LEU B 19 -7.82 7.68 6.89
CA LEU B 19 -6.88 7.99 7.95
C LEU B 19 -5.47 8.02 7.37
N SER B 20 -4.74 9.11 7.64
CA SER B 20 -3.33 9.20 7.25
C SER B 20 -2.46 8.53 8.29
N PHE B 21 -1.41 7.82 7.86
CA PHE B 21 -0.49 7.21 8.82
C PHE B 21 0.90 7.00 8.22
N LYS B 22 1.88 6.81 9.09
CA LYS B 22 3.25 6.61 8.69
C LYS B 22 3.60 5.16 8.86
N LYS B 23 4.54 4.68 8.06
CA LYS B 23 5.07 3.34 8.18
C LYS B 23 5.49 3.08 9.62
N GLY B 24 5.17 1.91 10.14
CA GLY B 24 5.58 1.54 11.49
C GLY B 24 4.57 1.92 12.58
N GLU B 25 3.56 2.70 12.20
CA GLU B 25 2.53 3.11 13.14
C GLU B 25 1.70 1.90 13.57
N ARG B 26 1.32 1.84 14.85
CA ARG B 26 0.41 0.80 15.33
C ARG B 26 -1.04 1.27 15.24
N LEU B 27 -1.92 0.41 14.71
CA LEU B 27 -3.31 0.80 14.51
C LEU B 27 -4.24 -0.18 15.20
N GLN B 28 -5.22 0.37 15.93
CA GLN B 28 -6.33 -0.43 16.44
C GLN B 28 -7.38 -0.49 15.35
N ILE B 29 -7.84 -1.70 15.05
CA ILE B 29 -8.96 -1.84 14.13
C ILE B 29 -10.27 -1.74 14.94
N VAL B 30 -11.11 -0.77 14.58
CA VAL B 30 -12.34 -0.53 15.35
C VAL B 30 -13.53 -1.23 14.69
N ASN B 31 -13.45 -1.42 13.38
CA ASN B 31 -14.48 -2.12 12.63
C ASN B 31 -13.91 -2.62 11.30
N ASN B 32 -13.96 -3.92 11.07
CA ASN B 32 -13.47 -4.49 9.81
C ASN B 32 -14.48 -5.44 9.17
N THR B 33 -15.76 -5.13 9.32
CA THR B 33 -16.82 -6.02 8.87
C THR B 33 -17.39 -5.62 7.51
N GLU B 34 -16.68 -4.75 6.80
CA GLU B 34 -17.20 -4.21 5.54
C GLU B 34 -16.13 -4.05 4.44
N GLY B 35 -15.53 -5.16 4.02
CA GLY B 35 -14.68 -5.14 2.84
C GLY B 35 -13.20 -5.03 3.14
N ASP B 36 -12.48 -4.39 2.21
CA ASP B 36 -11.03 -4.25 2.31
C ASP B 36 -10.60 -2.92 2.94
N TRP B 37 -11.56 -2.05 3.24
CA TRP B 37 -11.26 -0.80 3.91
C TRP B 37 -11.76 -0.90 5.34
N TRP B 38 -10.89 -0.63 6.29
CA TRP B 38 -11.23 -0.85 7.69
C TRP B 38 -11.17 0.44 8.47
N LEU B 39 -12.14 0.64 9.38
CA LEU B 39 -12.12 1.77 10.30
C LEU B 39 -11.06 1.55 11.38
N ALA B 40 -10.11 2.47 11.47
CA ALA B 40 -8.97 2.31 12.36
C ALA B 40 -8.75 3.51 13.24
N HIS B 41 -8.01 3.28 14.32
CA HIS B 41 -7.63 4.31 15.25
C HIS B 41 -6.13 4.19 15.41
N SER B 42 -5.39 5.24 15.10
CA SER B 42 -3.94 5.20 15.26
C SER B 42 -3.55 5.36 16.70
N LEU B 43 -2.74 4.44 17.20
CA LEU B 43 -2.33 4.48 18.61
C LEU B 43 -1.27 5.55 18.86
N SER B 44 -0.61 5.99 17.81
CA SER B 44 0.39 7.05 17.94
C SER B 44 -0.18 8.46 17.73
N THR B 45 -1.15 8.61 16.83
CA THR B 45 -1.69 9.94 16.53
C THR B 45 -3.06 10.22 17.16
N GLY B 46 -3.78 9.16 17.52
CA GLY B 46 -5.11 9.32 18.09
C GLY B 46 -6.19 9.64 17.07
N GLN B 47 -5.82 9.67 15.79
CA GLN B 47 -6.78 9.95 14.72
C GLN B 47 -7.49 8.68 14.25
N THR B 48 -8.62 8.86 13.59
CA THR B 48 -9.39 7.71 13.09
C THR B 48 -9.77 7.90 11.64
N GLY B 49 -10.07 6.80 10.97
CA GLY B 49 -10.53 6.89 9.60
C GLY B 49 -10.31 5.55 8.96
N TYR B 50 -10.73 5.40 7.72
CA TYR B 50 -10.58 4.15 7.00
C TYR B 50 -9.16 4.00 6.47
N ILE B 51 -8.68 2.77 6.47
CA ILE B 51 -7.35 2.47 5.95
C ILE B 51 -7.51 1.32 4.99
N PRO B 52 -6.64 1.25 3.97
CA PRO B 52 -6.67 0.11 3.05
C PRO B 52 -6.01 -1.06 3.73
N SER B 53 -6.65 -2.23 3.75
CA SER B 53 -6.14 -3.33 4.56
C SER B 53 -4.85 -3.92 4.01
N ASN B 54 -4.49 -3.60 2.77
CA ASN B 54 -3.22 -4.09 2.21
C ASN B 54 -2.03 -3.17 2.49
N TYR B 55 -2.23 -2.12 3.28
CA TYR B 55 -1.13 -1.31 3.79
C TYR B 55 -0.70 -1.74 5.19
N VAL B 56 -1.37 -2.72 5.77
CA VAL B 56 -1.06 -3.13 7.14
C VAL B 56 -0.86 -4.65 7.29
N ALA B 57 -0.19 -5.04 8.38
CA ALA B 57 -0.02 -6.44 8.72
C ALA B 57 -0.34 -6.61 10.20
N PRO B 58 -0.75 -7.82 10.61
CA PRO B 58 -1.08 -8.04 12.03
C PRO B 58 0.14 -7.95 12.91
N SER B 59 -0.02 -7.32 14.08
CA SER B 59 1.09 -7.25 15.04
C SER B 59 1.47 -8.62 15.59
N ASP B 60 0.52 -9.55 15.59
CA ASP B 60 0.77 -10.89 16.09
C ASP B 60 0.11 -11.94 15.20
N ARG C 1 -8.33 -5.42 -14.61
CA ARG C 1 -8.47 -6.33 -13.47
C ARG C 1 -7.74 -5.75 -12.26
N GLY C 2 -8.32 -5.92 -11.07
CA GLY C 2 -7.93 -5.13 -9.91
C GLY C 2 -6.80 -5.59 -9.01
N THR C 3 -7.18 -6.19 -7.87
CA THR C 3 -6.34 -6.29 -6.67
C THR C 3 -6.65 -5.07 -5.80
#